data_7X8U
#
_entry.id   7X8U
#
_cell.length_a   81.530
_cell.length_b   81.530
_cell.length_c   98.445
_cell.angle_alpha   90.000
_cell.angle_beta   90.000
_cell.angle_gamma   120.000
#
_symmetry.space_group_name_H-M   'P 31 1 2'
#
_entity_poly.entity_id   1
_entity_poly.type   'polypeptide(L)'
_entity_poly.pdbx_seq_one_letter_code
;SMAENEIEEMLEHLRRIKSGGDLDWLDILRIEELEMVLRVFRTFTKYNDVLLPDSLVELTKRAKLIGEILHRLFGRIPHK
CKTNLNLERLESHLLEFFQGNTASLSHNYELNNFDLSKYMDCLENFLNDVLMMFLQKDRFFHSREQLAKHRSIKELKIVQ
KKIRFLKYIYATEINGYVDYEKQECLENRIQFMTNTVGQYCLAVLDYVTEGKLNEENDNFSKPPYLLSLIVLVELEMKKI
FHGEVK
;
_entity_poly.pdbx_strand_id   A
#
# COMPACT_ATOMS: atom_id res chain seq x y z
N SER A 1 -6.22 13.35 8.10
CA SER A 1 -6.25 12.35 9.15
C SER A 1 -7.68 11.93 9.45
N MET A 2 -8.57 12.15 8.49
CA MET A 2 -9.98 11.86 8.71
C MET A 2 -10.26 10.37 8.52
N ALA A 3 -9.89 9.82 7.36
CA ALA A 3 -10.18 8.44 7.06
C ALA A 3 -9.42 7.49 7.98
N GLU A 4 -8.29 7.94 8.51
CA GLU A 4 -7.55 7.11 9.46
C GLU A 4 -8.36 6.86 10.71
N ASN A 5 -9.05 7.90 11.21
CA ASN A 5 -9.88 7.73 12.38
C ASN A 5 -10.99 6.72 12.14
N GLU A 6 -11.70 6.86 11.03
CA GLU A 6 -12.79 5.94 10.73
C GLU A 6 -12.29 4.52 10.51
N ILE A 7 -11.13 4.37 9.87
CA ILE A 7 -10.56 3.05 9.67
C ILE A 7 -10.19 2.42 11.01
N GLU A 8 -9.53 3.18 11.88
CA GLU A 8 -9.12 2.64 13.16
C GLU A 8 -10.32 2.29 14.02
N GLU A 9 -11.40 3.07 13.93
CA GLU A 9 -12.57 2.74 14.74
C GLU A 9 -13.33 1.55 14.17
N MET A 10 -13.35 1.38 12.85
CA MET A 10 -13.93 0.16 12.30
C MET A 10 -13.09 -1.06 12.68
N LEU A 11 -11.76 -0.89 12.75
CA LEU A 11 -10.91 -1.98 13.21
C LEU A 11 -11.19 -2.31 14.67
N GLU A 12 -11.39 -1.29 15.50
CA GLU A 12 -11.72 -1.53 16.90
C GLU A 12 -13.07 -2.21 17.05
N HIS A 13 -14.04 -1.82 16.22
CA HIS A 13 -15.34 -2.48 16.25
C HIS A 13 -15.22 -3.95 15.85
N LEU A 14 -14.44 -4.23 14.81
CA LEU A 14 -14.24 -5.63 14.42
C LEU A 14 -13.52 -6.41 15.50
N ARG A 15 -12.58 -5.76 16.20
CA ARG A 15 -11.90 -6.42 17.31
C ARG A 15 -12.89 -6.76 18.43
N ARG A 16 -13.77 -5.81 18.75
CA ARG A 16 -14.79 -6.07 19.75
C ARG A 16 -15.72 -7.21 19.32
N ILE A 17 -16.10 -7.23 18.05
CA ILE A 17 -16.96 -8.29 17.53
C ILE A 17 -16.26 -9.64 17.61
N LYS A 18 -14.95 -9.67 17.40
CA LYS A 18 -14.21 -10.92 17.53
C LYS A 18 -14.04 -11.29 19.00
N SER A 19 -13.60 -10.34 19.82
CA SER A 19 -13.39 -10.61 21.24
C SER A 19 -14.72 -10.74 21.95
N GLY A 20 -15.26 -11.96 21.99
CA GLY A 20 -16.54 -12.18 22.64
C GLY A 20 -17.69 -12.21 21.67
N GLY A 21 -18.51 -13.27 21.74
CA GLY A 21 -19.63 -13.41 20.84
C GLY A 21 -19.51 -14.65 19.99
N ASP A 22 -20.62 -15.38 19.82
CA ASP A 22 -20.60 -16.58 19.00
C ASP A 22 -20.69 -16.20 17.53
N LEU A 23 -19.64 -16.55 16.80
CA LEU A 23 -19.61 -16.38 15.35
C LEU A 23 -18.87 -17.56 14.77
N ASP A 24 -19.44 -18.15 13.71
CA ASP A 24 -18.81 -19.28 13.06
C ASP A 24 -17.41 -18.91 12.62
N TRP A 25 -16.53 -19.91 12.52
CA TRP A 25 -15.17 -19.64 12.07
C TRP A 25 -15.17 -18.90 10.74
N LEU A 26 -16.06 -19.30 9.83
CA LEU A 26 -16.11 -18.72 8.50
C LEU A 26 -16.41 -17.23 8.56
N ASP A 27 -17.33 -16.83 9.43
CA ASP A 27 -17.67 -15.42 9.55
C ASP A 27 -16.47 -14.60 9.99
N ILE A 28 -15.73 -15.09 10.98
CA ILE A 28 -14.57 -14.31 11.41
C ILE A 28 -13.41 -14.42 10.42
N LEU A 29 -13.43 -15.42 9.54
CA LEU A 29 -12.47 -15.41 8.44
C LEU A 29 -12.79 -14.28 7.47
N ARG A 30 -14.06 -14.12 7.12
CA ARG A 30 -14.45 -12.95 6.33
C ARG A 30 -14.08 -11.66 7.05
N ILE A 31 -14.23 -11.64 8.37
CA ILE A 31 -13.88 -10.46 9.16
C ILE A 31 -12.39 -10.18 9.06
N GLU A 32 -11.58 -11.24 9.13
CA GLU A 32 -10.14 -11.07 9.01
C GLU A 32 -9.76 -10.52 7.64
N GLU A 33 -10.36 -11.06 6.58
CA GLU A 33 -10.10 -10.53 5.25
C GLU A 33 -10.47 -9.06 5.17
N LEU A 34 -11.61 -8.70 5.74
CA LEU A 34 -12.05 -7.30 5.71
C LEU A 34 -11.07 -6.40 6.45
N GLU A 35 -10.60 -6.82 7.62
CA GLU A 35 -9.68 -5.96 8.34
C GLU A 35 -8.31 -5.90 7.69
N MET A 36 -7.92 -6.94 6.94
CA MET A 36 -6.73 -6.84 6.11
C MET A 36 -6.90 -5.78 5.03
N VAL A 37 -8.05 -5.82 4.35
CA VAL A 37 -8.39 -4.79 3.38
C VAL A 37 -8.30 -3.40 4.01
N LEU A 38 -8.81 -3.29 5.24
CA LEU A 38 -8.83 -1.99 5.91
C LEU A 38 -7.44 -1.54 6.28
N ARG A 39 -6.55 -2.47 6.67
CA ARG A 39 -5.18 -2.07 6.95
C ARG A 39 -4.47 -1.59 5.69
N VAL A 40 -4.72 -2.25 4.56
CA VAL A 40 -4.15 -1.80 3.29
C VAL A 40 -4.61 -0.38 2.99
N PHE A 41 -5.92 -0.16 3.01
CA PHE A 41 -6.44 1.17 2.72
C PHE A 41 -5.98 2.17 3.76
N ARG A 42 -5.70 1.73 4.98
CA ARG A 42 -5.16 2.63 5.99
C ARG A 42 -3.80 3.14 5.59
N THR A 43 -2.94 2.25 5.12
CA THR A 43 -1.65 2.68 4.59
C THR A 43 -1.82 3.65 3.44
N PHE A 44 -2.75 3.34 2.54
CA PHE A 44 -3.01 4.24 1.42
C PHE A 44 -3.38 5.64 1.90
N THR A 45 -4.34 5.74 2.80
CA THR A 45 -4.74 7.05 3.31
C THR A 45 -3.61 7.73 4.06
N LYS A 46 -2.75 6.97 4.73
CA LYS A 46 -1.63 7.57 5.43
C LYS A 46 -0.65 8.20 4.48
N TYR A 47 -0.41 7.57 3.32
CA TYR A 47 0.60 8.07 2.38
C TYR A 47 -0.01 8.51 1.05
N ASN A 48 -1.26 8.97 1.05
CA ASN A 48 -1.87 9.41 -0.20
C ASN A 48 -1.36 10.77 -0.65
N ASP A 49 -0.89 11.61 0.27
CA ASP A 49 -0.43 12.94 -0.11
C ASP A 49 0.84 12.89 -0.94
N VAL A 50 1.51 11.73 -1.01
CA VAL A 50 2.69 11.57 -1.84
C VAL A 50 2.44 10.72 -3.06
N LEU A 51 1.23 10.17 -3.21
CA LEU A 51 0.87 9.43 -4.42
C LEU A 51 0.34 10.46 -5.41
N LEU A 52 1.26 11.09 -6.13
CA LEU A 52 0.93 12.19 -7.04
C LEU A 52 1.05 11.73 -8.48
N PRO A 53 -0.05 11.39 -9.15
CA PRO A 53 0.02 11.17 -10.60
C PRO A 53 0.25 12.48 -11.33
N ASP A 54 0.68 12.36 -12.58
CA ASP A 54 0.99 13.52 -13.41
C ASP A 54 -0.23 14.11 -14.10
N SER A 55 -1.03 13.28 -14.77
CA SER A 55 -2.23 13.73 -15.44
C SER A 55 -3.43 13.23 -14.63
N LEU A 56 -4.22 14.16 -14.10
CA LEU A 56 -5.33 13.75 -13.26
C LEU A 56 -6.41 13.00 -14.04
N VAL A 57 -6.30 12.90 -15.36
CA VAL A 57 -7.09 11.93 -16.11
C VAL A 57 -6.70 10.50 -15.72
N GLU A 58 -5.45 10.29 -15.30
CA GLU A 58 -5.10 9.03 -14.64
C GLU A 58 -5.76 8.93 -13.27
N LEU A 59 -5.89 10.07 -12.57
CA LEU A 59 -6.61 10.07 -11.30
C LEU A 59 -8.07 9.70 -11.49
N THR A 60 -8.65 10.03 -12.65
CA THR A 60 -10.02 9.67 -12.95
C THR A 60 -10.22 8.16 -12.89
N LYS A 61 -9.41 7.43 -13.65
CA LYS A 61 -9.51 5.98 -13.64
C LYS A 61 -9.01 5.37 -12.34
N ARG A 62 -8.07 6.01 -11.63
CA ARG A 62 -7.68 5.51 -10.32
C ARG A 62 -8.84 5.58 -9.35
N ALA A 63 -9.57 6.71 -9.36
CA ALA A 63 -10.75 6.82 -8.52
C ALA A 63 -11.81 5.81 -8.93
N LYS A 64 -11.99 5.61 -10.23
CA LYS A 64 -12.91 4.57 -10.71
C LYS A 64 -12.54 3.22 -10.13
N LEU A 65 -11.26 2.85 -10.25
CA LEU A 65 -10.77 1.59 -9.71
C LEU A 65 -11.04 1.48 -8.22
N ILE A 66 -10.63 2.48 -7.45
CA ILE A 66 -10.78 2.43 -6.00
C ILE A 66 -12.25 2.32 -5.63
N GLY A 67 -13.12 2.98 -6.38
CA GLY A 67 -14.54 2.92 -6.12
C GLY A 67 -15.11 1.54 -6.34
N GLU A 68 -14.90 0.98 -7.53
CA GLU A 68 -15.45 -0.36 -7.77
C GLU A 68 -14.79 -1.41 -6.89
N ILE A 69 -13.54 -1.20 -6.48
CA ILE A 69 -12.91 -2.12 -5.54
C ILE A 69 -13.61 -2.05 -4.19
N LEU A 70 -13.67 -0.86 -3.60
CA LEU A 70 -14.33 -0.69 -2.31
C LEU A 70 -15.76 -1.20 -2.33
N HIS A 71 -16.43 -1.09 -3.48
CA HIS A 71 -17.80 -1.57 -3.55
C HIS A 71 -17.88 -3.08 -3.66
N ARG A 72 -17.00 -3.69 -4.46
CA ARG A 72 -16.96 -5.15 -4.53
C ARG A 72 -16.54 -5.75 -3.20
N LEU A 73 -15.77 -4.99 -2.41
CA LEU A 73 -15.24 -5.53 -1.16
C LEU A 73 -16.30 -5.58 -0.08
N PHE A 74 -17.27 -4.66 -0.13
CA PHE A 74 -18.28 -4.56 0.92
C PHE A 74 -19.48 -5.43 0.53
N GLY A 75 -19.19 -6.67 0.18
CA GLY A 75 -20.22 -7.58 -0.29
C GLY A 75 -20.32 -8.90 0.44
N ARG A 76 -19.20 -9.38 0.98
CA ARG A 76 -19.17 -10.69 1.62
C ARG A 76 -19.10 -10.60 3.14
N ILE A 77 -19.20 -9.39 3.69
CA ILE A 77 -19.43 -9.24 5.13
C ILE A 77 -20.78 -9.86 5.46
N PRO A 78 -20.92 -10.55 6.60
CA PRO A 78 -22.23 -11.12 6.94
C PRO A 78 -23.30 -10.05 7.02
N HIS A 79 -24.43 -10.32 6.35
CA HIS A 79 -25.59 -9.45 6.49
C HIS A 79 -26.03 -9.30 7.94
N LYS A 80 -25.61 -10.24 8.81
CA LYS A 80 -25.85 -10.13 10.23
C LYS A 80 -25.28 -8.83 10.79
N CYS A 81 -23.97 -8.65 10.66
CA CYS A 81 -23.27 -7.54 11.28
C CYS A 81 -23.04 -6.36 10.35
N LYS A 82 -23.16 -6.54 9.03
CA LYS A 82 -22.98 -5.41 8.13
C LYS A 82 -24.05 -4.35 8.36
N THR A 83 -25.22 -4.75 8.86
CA THR A 83 -26.23 -3.79 9.26
C THR A 83 -25.76 -3.00 10.48
N ASN A 84 -25.14 -3.71 11.43
CA ASN A 84 -24.70 -3.10 12.68
C ASN A 84 -23.54 -2.13 12.50
N LEU A 85 -22.82 -2.19 11.38
CA LEU A 85 -21.64 -1.38 11.18
C LEU A 85 -21.83 -0.44 10.01
N ASN A 86 -21.27 0.76 10.15
CA ASN A 86 -21.43 1.82 9.17
C ASN A 86 -20.43 1.68 8.03
N LEU A 87 -20.53 0.59 7.28
CA LEU A 87 -19.58 0.38 6.19
C LEU A 87 -19.80 1.38 5.07
N GLU A 88 -21.06 1.64 4.70
CA GLU A 88 -21.34 2.60 3.64
C GLU A 88 -20.83 4.00 3.97
N ARG A 89 -20.88 4.38 5.24
CA ARG A 89 -20.31 5.64 5.68
C ARG A 89 -18.80 5.67 5.46
N LEU A 90 -18.12 4.59 5.84
CA LEU A 90 -16.68 4.51 5.63
C LEU A 90 -16.34 4.55 4.15
N GLU A 91 -17.14 3.87 3.33
CA GLU A 91 -16.93 3.87 1.89
C GLU A 91 -17.06 5.28 1.33
N SER A 92 -18.10 5.99 1.72
CA SER A 92 -18.28 7.37 1.27
C SER A 92 -17.09 8.23 1.70
N HIS A 93 -16.67 8.09 2.96
CA HIS A 93 -15.54 8.87 3.45
C HIS A 93 -14.29 8.59 2.63
N LEU A 94 -14.04 7.32 2.32
CA LEU A 94 -12.83 6.97 1.58
C LEU A 94 -12.86 7.47 0.15
N LEU A 95 -14.01 7.31 -0.52
CA LEU A 95 -14.14 7.85 -1.87
C LEU A 95 -13.92 9.36 -1.88
N GLU A 96 -14.50 10.06 -0.90
CA GLU A 96 -14.30 11.50 -0.82
C GLU A 96 -12.85 11.85 -0.57
N PHE A 97 -12.15 11.04 0.23
CA PHE A 97 -10.75 11.32 0.52
C PHE A 97 -9.86 11.10 -0.70
N PHE A 98 -10.19 10.12 -1.54
CA PHE A 98 -9.30 9.74 -2.63
C PHE A 98 -9.56 10.52 -3.92
N GLN A 99 -10.14 11.71 -3.84
CA GLN A 99 -10.20 12.62 -4.97
C GLN A 99 -9.76 14.01 -4.55
N GLY A 100 -8.68 14.10 -3.80
CA GLY A 100 -8.21 15.36 -3.25
C GLY A 100 -7.38 16.20 -4.18
N ASN A 101 -7.07 15.67 -5.36
CA ASN A 101 -6.25 16.40 -6.37
C ASN A 101 -6.85 16.18 -7.77
N ASN A 112 8.83 24.23 -2.84
CA ASN A 112 9.74 23.25 -3.39
C ASN A 112 10.47 22.47 -2.31
N ASN A 113 9.71 21.74 -1.49
CA ASN A 113 10.27 20.88 -0.47
C ASN A 113 9.88 19.44 -0.76
N PHE A 114 10.81 18.52 -0.55
CA PHE A 114 10.60 17.10 -0.83
C PHE A 114 10.83 16.33 0.46
N ASP A 115 9.77 15.74 1.00
CA ASP A 115 9.85 14.94 2.21
C ASP A 115 10.34 13.55 1.83
N LEU A 116 11.65 13.36 1.96
CA LEU A 116 12.27 12.13 1.48
C LEU A 116 12.34 11.11 2.60
N SER A 117 11.72 11.41 3.74
CA SER A 117 11.57 10.40 4.77
C SER A 117 10.21 9.74 4.58
N LYS A 118 9.23 10.53 4.14
CA LYS A 118 7.90 10.01 3.91
C LYS A 118 7.86 9.06 2.73
N TYR A 119 8.68 9.30 1.73
CA TYR A 119 8.68 8.45 0.54
C TYR A 119 9.28 7.08 0.86
N MET A 120 10.37 7.05 1.63
CA MET A 120 10.94 5.78 2.04
C MET A 120 10.01 5.02 2.97
N ASP A 121 9.33 5.73 3.87
CA ASP A 121 8.35 5.08 4.74
C ASP A 121 7.17 4.54 3.93
N CYS A 122 6.73 5.27 2.92
CA CYS A 122 5.65 4.78 2.06
C CYS A 122 6.08 3.52 1.31
N LEU A 123 7.31 3.51 0.81
CA LEU A 123 7.81 2.32 0.14
C LEU A 123 7.88 1.14 1.09
N GLU A 124 8.44 1.35 2.28
CA GLU A 124 8.53 0.27 3.27
C GLU A 124 7.15 -0.28 3.60
N ASN A 125 6.21 0.61 3.91
CA ASN A 125 4.88 0.17 4.29
C ASN A 125 4.19 -0.57 3.16
N PHE A 126 4.30 -0.06 1.94
CA PHE A 126 3.61 -0.70 0.82
C PHE A 126 4.22 -2.05 0.47
N LEU A 127 5.54 -2.18 0.60
CA LEU A 127 6.14 -3.49 0.39
C LEU A 127 5.69 -4.47 1.47
N ASN A 128 5.68 -4.03 2.73
CA ASN A 128 5.19 -4.89 3.79
C ASN A 128 3.75 -5.33 3.52
N ASP A 129 2.92 -4.42 3.02
CA ASP A 129 1.52 -4.74 2.78
C ASP A 129 1.37 -5.72 1.62
N VAL A 130 2.10 -5.50 0.54
CA VAL A 130 2.04 -6.43 -0.58
C VAL A 130 2.49 -7.82 -0.16
N LEU A 131 3.55 -7.89 0.63
CA LEU A 131 4.01 -9.18 1.11
C LEU A 131 2.98 -9.83 2.01
N MET A 132 2.39 -9.05 2.92
CA MET A 132 1.38 -9.60 3.83
C MET A 132 0.18 -10.15 3.07
N MET A 133 -0.23 -9.47 2.01
CA MET A 133 -1.38 -9.93 1.25
C MET A 133 -1.04 -11.12 0.36
N PHE A 134 0.21 -11.22 -0.09
CA PHE A 134 0.60 -12.40 -0.85
C PHE A 134 0.67 -13.62 0.05
N LEU A 135 1.37 -13.51 1.17
CA LEU A 135 1.52 -14.65 2.06
C LEU A 135 0.35 -14.74 3.03
N GLN A 136 -0.87 -14.58 2.51
CA GLN A 136 -2.08 -14.87 3.26
C GLN A 136 -2.97 -15.85 2.54
N LYS A 137 -3.19 -15.61 1.25
CA LYS A 137 -4.24 -16.27 0.49
C LYS A 137 -3.80 -17.54 -0.21
N ASP A 138 -2.54 -17.95 -0.05
CA ASP A 138 -2.03 -19.06 -0.84
C ASP A 138 -2.45 -20.37 -0.18
N ARG A 139 -3.77 -20.43 0.02
CA ARG A 139 -4.59 -21.59 0.44
C ARG A 139 -5.25 -22.01 -0.88
N PHE A 140 -5.62 -20.99 -1.67
CA PHE A 140 -6.10 -21.15 -3.04
C PHE A 140 -4.91 -21.50 -3.92
N PHE A 141 -4.57 -22.78 -3.98
CA PHE A 141 -3.36 -23.19 -4.69
C PHE A 141 -3.74 -23.72 -6.06
N HIS A 142 -2.83 -23.54 -7.01
CA HIS A 142 -3.10 -23.76 -8.43
C HIS A 142 -1.95 -24.48 -9.08
N SER A 143 -1.95 -24.57 -10.42
CA SER A 143 -0.98 -25.36 -11.15
C SER A 143 0.44 -25.07 -10.69
N ARG A 144 1.27 -26.10 -10.67
CA ARG A 144 2.58 -26.03 -10.06
C ARG A 144 3.56 -25.07 -10.72
N GLU A 145 3.17 -24.46 -11.84
CA GLU A 145 3.83 -23.26 -12.30
C GLU A 145 3.74 -22.07 -11.36
N GLN A 146 3.04 -22.27 -10.24
CA GLN A 146 2.91 -21.24 -9.21
C GLN A 146 4.24 -20.78 -8.66
N LEU A 147 5.33 -21.49 -8.95
CA LEU A 147 6.65 -21.00 -8.60
C LEU A 147 6.91 -19.62 -9.16
N ALA A 148 6.23 -19.26 -10.26
CA ALA A 148 6.30 -17.89 -10.74
C ALA A 148 5.99 -16.89 -9.62
N LYS A 149 4.88 -17.10 -8.92
CA LYS A 149 4.59 -16.31 -7.74
C LYS A 149 5.78 -16.25 -6.81
N HIS A 150 6.40 -17.40 -6.54
CA HIS A 150 7.52 -17.45 -5.62
C HIS A 150 8.75 -16.73 -6.14
N ARG A 151 8.92 -16.62 -7.46
CA ARG A 151 9.94 -15.69 -7.93
C ARG A 151 9.55 -14.27 -7.63
N SER A 152 8.31 -13.89 -7.93
CA SER A 152 7.80 -12.58 -7.59
C SER A 152 8.08 -12.25 -6.14
N ILE A 153 7.57 -13.09 -5.23
CA ILE A 153 7.82 -12.93 -3.80
C ILE A 153 9.30 -12.69 -3.56
N LYS A 154 10.15 -13.55 -4.13
CA LYS A 154 11.59 -13.41 -3.93
C LYS A 154 12.05 -12.01 -4.28
N GLU A 155 11.72 -11.55 -5.48
CA GLU A 155 12.11 -10.21 -5.89
C GLU A 155 11.62 -9.17 -4.88
N LEU A 156 10.36 -9.28 -4.47
CA LEU A 156 9.83 -8.35 -3.49
C LEU A 156 10.65 -8.38 -2.22
N LYS A 157 10.96 -9.59 -1.74
CA LYS A 157 11.71 -9.71 -0.50
C LYS A 157 13.09 -9.07 -0.63
N ILE A 158 13.64 -9.02 -1.84
CA ILE A 158 14.87 -8.29 -2.03
C ILE A 158 14.60 -6.80 -2.02
N VAL A 159 13.63 -6.35 -2.82
CA VAL A 159 13.28 -4.93 -2.88
C VAL A 159 13.05 -4.41 -1.48
N GLN A 160 12.15 -5.05 -0.74
CA GLN A 160 11.92 -4.73 0.66
C GLN A 160 13.25 -4.57 1.39
N LYS A 161 14.06 -5.63 1.41
CA LYS A 161 15.33 -5.56 2.11
C LYS A 161 16.17 -4.39 1.62
N LYS A 162 16.25 -4.21 0.30
CA LYS A 162 17.06 -3.14 -0.23
C LYS A 162 16.59 -1.79 0.28
N ILE A 163 15.27 -1.60 0.39
CA ILE A 163 14.77 -0.35 0.95
C ILE A 163 15.34 -0.14 2.35
N ARG A 164 15.28 -1.16 3.20
CA ARG A 164 15.88 -1.07 4.52
C ARG A 164 17.35 -0.68 4.41
N PHE A 165 18.07 -1.31 3.50
CA PHE A 165 19.47 -0.95 3.27
C PHE A 165 19.59 0.53 2.98
N LEU A 166 18.79 1.02 2.04
CA LEU A 166 18.88 2.43 1.67
C LEU A 166 18.49 3.31 2.85
N LYS A 167 17.63 2.81 3.73
CA LYS A 167 17.23 3.62 4.87
C LYS A 167 18.26 3.62 5.98
N TYR A 168 19.21 2.68 5.95
CA TYR A 168 20.24 2.66 7.00
C TYR A 168 21.41 3.54 6.61
N ILE A 169 22.02 3.26 5.43
CA ILE A 169 23.24 3.92 5.03
C ILE A 169 23.06 5.42 4.91
N TYR A 170 21.94 5.84 4.33
CA TYR A 170 21.70 7.25 4.07
C TYR A 170 20.70 7.82 5.08
N ALA A 171 20.76 7.34 6.32
CA ALA A 171 19.80 7.77 7.33
C ALA A 171 19.92 9.25 7.63
N THR A 172 21.14 9.72 7.92
CA THR A 172 21.32 11.13 8.22
C THR A 172 21.03 12.01 7.02
N GLU A 173 21.28 11.49 5.82
CA GLU A 173 20.98 12.26 4.62
C GLU A 173 19.49 12.25 4.31
N ILE A 174 18.80 11.17 4.64
CA ILE A 174 17.35 11.13 4.45
C ILE A 174 16.66 12.03 5.47
N ASN A 175 16.88 11.76 6.74
CA ASN A 175 16.35 12.63 7.80
C ASN A 175 17.19 13.89 7.86
N GLY A 176 16.74 14.93 7.17
CA GLY A 176 17.55 16.10 6.98
C GLY A 176 17.88 16.38 5.54
N TYR A 177 17.10 15.84 4.61
CA TYR A 177 17.28 16.08 3.18
C TYR A 177 16.93 17.51 2.79
N VAL A 178 16.26 18.26 3.67
CA VAL A 178 15.91 19.63 3.34
C VAL A 178 17.15 20.52 3.26
N ASP A 179 18.24 20.14 3.92
CA ASP A 179 19.49 20.88 3.76
C ASP A 179 20.05 20.76 2.35
N TYR A 180 19.77 19.63 1.71
CA TYR A 180 20.24 19.40 0.33
C TYR A 180 19.26 20.11 -0.60
N GLU A 181 19.57 20.13 -1.87
CA GLU A 181 18.72 20.90 -2.80
C GLU A 181 18.04 19.92 -3.74
N LYS A 182 17.37 20.43 -4.77
CA LYS A 182 16.59 19.54 -5.65
C LYS A 182 17.48 18.59 -6.44
N GLN A 183 17.21 17.30 -6.36
CA GLN A 183 17.93 16.31 -7.20
C GLN A 183 16.83 15.69 -8.07
N GLU A 184 16.41 16.40 -9.10
CA GLU A 184 15.24 15.99 -9.88
C GLU A 184 15.33 14.55 -10.36
N CYS A 185 16.50 14.09 -10.78
CA CYS A 185 16.65 12.67 -11.07
C CYS A 185 16.22 11.79 -9.91
N LEU A 186 16.78 12.04 -8.72
CA LEU A 186 16.45 11.23 -7.56
C LEU A 186 14.98 11.35 -7.19
N GLU A 187 14.47 12.58 -7.12
CA GLU A 187 13.08 12.79 -6.77
C GLU A 187 12.12 12.20 -7.80
N ASN A 188 12.42 12.34 -9.10
CA ASN A 188 11.57 11.74 -10.11
C ASN A 188 11.57 10.22 -10.03
N ARG A 189 12.73 9.62 -9.80
CA ARG A 189 12.78 8.17 -9.67
C ARG A 189 12.01 7.71 -8.44
N ILE A 190 12.16 8.41 -7.31
CA ILE A 190 11.47 8.02 -6.09
C ILE A 190 9.97 8.15 -6.26
N GLN A 191 9.53 9.26 -6.85
CA GLN A 191 8.10 9.46 -7.06
C GLN A 191 7.52 8.43 -8.01
N PHE A 192 8.26 8.09 -9.07
CA PHE A 192 7.76 7.09 -10.00
C PHE A 192 7.68 5.73 -9.33
N MET A 193 8.67 5.37 -8.51
CA MET A 193 8.59 4.08 -7.82
C MET A 193 7.45 4.07 -6.82
N THR A 194 7.24 5.19 -6.12
CA THR A 194 6.14 5.25 -5.17
C THR A 194 4.80 5.07 -5.85
N ASN A 195 4.59 5.77 -6.97
CA ASN A 195 3.35 5.59 -7.71
C ASN A 195 3.18 4.17 -8.22
N THR A 196 4.26 3.57 -8.72
CA THR A 196 4.20 2.21 -9.22
C THR A 196 3.83 1.24 -8.10
N VAL A 197 4.42 1.43 -6.92
CA VAL A 197 4.15 0.53 -5.81
C VAL A 197 2.73 0.71 -5.32
N GLY A 198 2.22 1.94 -5.34
CA GLY A 198 0.83 2.15 -4.97
C GLY A 198 -0.13 1.42 -5.88
N GLN A 199 0.00 1.63 -7.19
CA GLN A 199 -0.90 0.93 -8.10
C GLN A 199 -0.67 -0.58 -8.05
N TYR A 200 0.54 -1.01 -7.71
CA TYR A 200 0.80 -2.43 -7.57
C TYR A 200 0.05 -3.01 -6.37
N CYS A 201 0.13 -2.33 -5.23
CA CYS A 201 -0.59 -2.78 -4.05
C CYS A 201 -2.09 -2.82 -4.33
N LEU A 202 -2.58 -1.84 -5.08
CA LEU A 202 -4.00 -1.85 -5.43
C LEU A 202 -4.35 -3.05 -6.31
N ALA A 203 -3.51 -3.36 -7.29
CA ALA A 203 -3.76 -4.52 -8.14
C ALA A 203 -3.71 -5.80 -7.33
N VAL A 204 -2.80 -5.88 -6.37
CA VAL A 204 -2.71 -7.09 -5.54
C VAL A 204 -3.94 -7.22 -4.67
N LEU A 205 -4.43 -6.11 -4.13
CA LEU A 205 -5.63 -6.14 -3.31
C LEU A 205 -6.82 -6.60 -4.12
N ASP A 206 -6.95 -6.10 -5.35
CA ASP A 206 -8.03 -6.59 -6.20
C ASP A 206 -7.85 -8.08 -6.48
N TYR A 207 -6.62 -8.52 -6.73
CA TYR A 207 -6.37 -9.89 -7.16
C TYR A 207 -6.69 -10.88 -6.04
N VAL A 208 -6.28 -10.58 -4.82
CA VAL A 208 -6.42 -11.53 -3.72
C VAL A 208 -7.88 -11.58 -3.26
N THR A 209 -8.73 -10.77 -3.87
CA THR A 209 -10.12 -10.63 -3.48
C THR A 209 -11.05 -10.80 -4.67
N GLU A 210 -10.78 -11.83 -5.48
CA GLU A 210 -11.56 -12.09 -6.70
C GLU A 210 -11.60 -10.85 -7.60
N GLY A 211 -10.44 -10.47 -8.10
CA GLY A 211 -10.33 -9.30 -8.93
C GLY A 211 -10.96 -9.42 -10.30
N LYS A 212 -11.74 -8.41 -10.68
CA LYS A 212 -12.25 -8.33 -12.05
C LYS A 212 -11.09 -8.31 -13.04
N LEU A 213 -10.06 -7.53 -12.73
CA LEU A 213 -8.93 -7.34 -13.61
C LEU A 213 -7.63 -7.78 -12.94
N PRO A 223 6.46 -8.54 -13.32
CA PRO A 223 5.42 -7.72 -13.94
C PRO A 223 5.44 -6.22 -13.55
N PRO A 224 5.72 -5.87 -12.29
CA PRO A 224 5.86 -4.44 -11.97
C PRO A 224 7.26 -3.90 -12.20
N TYR A 225 8.27 -4.75 -12.14
CA TYR A 225 9.67 -4.35 -12.33
C TYR A 225 10.10 -3.34 -11.27
N LEU A 226 10.00 -3.77 -10.02
CA LEU A 226 10.35 -2.90 -8.90
C LEU A 226 11.82 -2.96 -8.53
N LEU A 227 12.48 -4.09 -8.78
CA LEU A 227 13.89 -4.19 -8.43
C LEU A 227 14.73 -3.26 -9.28
N SER A 228 14.40 -3.12 -10.56
CA SER A 228 15.11 -2.16 -11.41
C SER A 228 14.98 -0.75 -10.85
N LEU A 229 13.78 -0.37 -10.44
CA LEU A 229 13.57 0.97 -9.92
C LEU A 229 14.33 1.19 -8.63
N ILE A 230 14.30 0.22 -7.72
CA ILE A 230 14.98 0.41 -6.45
C ILE A 230 16.49 0.41 -6.66
N VAL A 231 16.97 -0.32 -7.65
CA VAL A 231 18.40 -0.31 -7.94
C VAL A 231 18.81 1.04 -8.49
N LEU A 232 18.03 1.59 -9.43
CA LEU A 232 18.32 2.91 -9.95
C LEU A 232 18.30 3.97 -8.86
N VAL A 233 17.35 3.87 -7.93
CA VAL A 233 17.33 4.77 -6.79
C VAL A 233 18.58 4.60 -5.94
N GLU A 234 19.02 3.36 -5.72
CA GLU A 234 20.21 3.12 -4.91
C GLU A 234 21.45 3.74 -5.57
N LEU A 235 21.58 3.59 -6.88
CA LEU A 235 22.74 4.15 -7.56
C LEU A 235 22.72 5.67 -7.57
N GLU A 236 21.56 6.28 -7.82
CA GLU A 236 21.46 7.74 -7.72
C GLU A 236 21.81 8.20 -6.32
N MET A 237 21.38 7.46 -5.30
CA MET A 237 21.69 7.85 -3.93
C MET A 237 23.18 7.75 -3.66
N LYS A 238 23.83 6.68 -4.15
CA LYS A 238 25.26 6.59 -3.98
C LYS A 238 25.98 7.73 -4.68
N LYS A 239 25.53 8.09 -5.88
CA LYS A 239 26.16 9.18 -6.61
C LYS A 239 26.04 10.50 -5.87
N ILE A 240 24.84 10.79 -5.35
CA ILE A 240 24.59 12.11 -4.76
C ILE A 240 25.04 12.23 -3.31
N PHE A 241 25.08 11.12 -2.56
CA PHE A 241 25.37 11.18 -1.15
C PHE A 241 26.79 10.76 -0.80
N HIS A 242 27.53 10.16 -1.72
CA HIS A 242 28.94 9.84 -1.50
C HIS A 242 29.85 10.82 -2.22
N GLY A 243 29.29 11.89 -2.79
CA GLY A 243 30.08 12.96 -3.35
C GLY A 243 30.37 14.03 -2.32
N GLU A 244 30.62 13.60 -1.09
CA GLU A 244 30.91 14.47 0.02
C GLU A 244 32.40 14.48 0.32
N VAL A 245 32.78 15.19 1.39
CA VAL A 245 34.18 15.24 1.80
C VAL A 245 34.52 14.10 2.76
N LYS A 246 33.53 13.35 3.23
CA LYS A 246 33.74 12.26 4.18
C LYS A 246 34.80 11.27 3.73
#